data_3O6P
#
_entry.id   3O6P
#
_cell.length_a   50.733
_cell.length_b   53.653
_cell.length_c   79.498
_cell.angle_alpha   90.000
_cell.angle_beta   90.000
_cell.angle_gamma   90.000
#
_symmetry.space_group_name_H-M   'P 21 21 21'
#
loop_
_entity.id
_entity.type
_entity.pdbx_description
1 polymer 'Peptide ABC transporter, peptide-binding protein'
2 non-polymer 'SODIUM ION'
3 water water
#
_entity_poly.entity_id   1
_entity_poly.type   'polypeptide(L)'
_entity_poly.pdbx_seq_one_letter_code
;SNAASTQY(MSE)ELNQRDEKSPFRNANLRKAISYSIDRKALVESILGDGSIEPNGLVPAD(MSE)AKDPSGGKDFAKEA
GSQIEYDTKKAKEYWEKAKKELGISTLT(MSE)DILSSDADSSKKTVEFVQGSIQDALDGVKVTVSPVPFSVRLDRSNKG
DFDAVIGGWSADYADPSSFLDLFASDNSYNRGRYNNAEFDKFVKAASSADATDPEKRWDD(MSE)LNAEKTI(MSE)GD
(MSE)GVVPLFQKS
;
_entity_poly.pdbx_strand_id   A
#
# COMPACT_ATOMS: atom_id res chain seq x y z
N ALA A 3 -1.90 -6.18 18.09
CA ALA A 3 -0.74 -6.88 17.49
C ALA A 3 -0.94 -7.16 15.98
N ALA A 4 -2.02 -6.65 15.40
CA ALA A 4 -2.28 -6.86 13.97
C ALA A 4 -1.31 -6.05 13.09
N SER A 5 -0.92 -6.62 11.96
CA SER A 5 0.05 -5.99 11.10
C SER A 5 -0.45 -6.07 9.66
N THR A 6 -0.08 -5.08 8.87
CA THR A 6 -0.30 -5.11 7.42
C THR A 6 1.07 -4.98 6.79
N GLN A 7 1.34 -5.85 5.83
CA GLN A 7 2.57 -5.76 5.07
C GLN A 7 2.16 -5.12 3.75
N TYR A 8 2.93 -4.13 3.31
CA TYR A 8 2.52 -3.35 2.14
C TYR A 8 3.71 -2.97 1.29
N GLU A 10 5.14 0.20 -0.81
CA GLU A 10 5.09 1.64 -1.09
C GLU A 10 5.72 1.89 -2.45
N LEU A 11 5.19 2.89 -3.16
CA LEU A 11 5.68 3.23 -4.50
C LEU A 11 6.18 4.66 -4.49
N ASN A 12 7.33 4.88 -5.11
CA ASN A 12 8.01 6.18 -5.05
C ASN A 12 7.30 7.23 -5.92
N GLN A 13 6.62 8.15 -5.25
CA GLN A 13 5.80 9.17 -5.91
C GLN A 13 6.43 10.55 -5.76
N ARG A 14 7.70 10.60 -5.36
N ARG A 14 7.74 10.59 -5.48
CA ARG A 14 8.35 11.86 -5.02
CA ARG A 14 8.46 11.85 -5.29
C ARG A 14 8.41 12.83 -6.19
C ARG A 14 8.50 12.73 -6.55
N ASP A 15 8.76 12.31 -7.37
N ASP A 15 9.05 12.24 -7.65
CA ASP A 15 9.04 13.10 -8.59
CA ASP A 15 9.20 13.09 -8.83
C ASP A 15 7.75 13.39 -9.35
C ASP A 15 7.81 13.37 -9.43
N GLU A 16 7.59 14.62 -9.87
CA GLU A 16 6.37 15.01 -10.60
C GLU A 16 6.09 14.06 -11.77
N LYS A 17 7.17 13.58 -12.38
CA LYS A 17 7.06 12.71 -13.56
C LYS A 17 7.22 11.24 -13.23
N SER A 18 7.22 10.91 -11.94
CA SER A 18 7.29 9.50 -11.57
C SER A 18 6.09 8.73 -12.16
N PRO A 19 6.35 7.55 -12.76
N PRO A 19 6.35 7.59 -12.83
CA PRO A 19 5.22 6.78 -13.26
CA PRO A 19 5.21 6.79 -13.27
C PRO A 19 4.26 6.41 -12.13
C PRO A 19 4.25 6.41 -12.13
N PHE A 20 4.79 6.27 -10.92
CA PHE A 20 3.96 5.85 -9.77
C PHE A 20 2.99 6.90 -9.28
N ARG A 21 3.10 8.14 -9.77
N ARG A 21 3.11 8.13 -9.77
CA ARG A 21 2.07 9.14 -9.47
CA ARG A 21 2.09 9.14 -9.48
C ARG A 21 0.80 8.92 -10.28
C ARG A 21 0.77 8.80 -10.17
N ASN A 22 0.84 7.96 -11.20
CA ASN A 22 -0.33 7.63 -11.97
C ASN A 22 -1.17 6.54 -11.27
N ALA A 23 -2.40 6.88 -10.91
CA ALA A 23 -3.24 5.95 -10.13
C ALA A 23 -3.55 4.68 -10.90
N ASN A 24 -3.72 4.78 -12.21
CA ASN A 24 -3.94 3.56 -13.00
C ASN A 24 -2.77 2.57 -12.97
N LEU A 25 -1.54 3.09 -12.97
CA LEU A 25 -0.39 2.20 -12.80
C LEU A 25 -0.37 1.54 -11.43
N ARG A 26 -0.62 2.32 -10.39
CA ARG A 26 -0.66 1.74 -9.05
C ARG A 26 -1.72 0.61 -8.94
N LYS A 27 -2.88 0.85 -9.52
CA LYS A 27 -3.93 -0.15 -9.59
C LYS A 27 -3.53 -1.36 -10.44
N ALA A 28 -2.86 -1.13 -11.60
CA ALA A 28 -2.45 -2.26 -12.45
C ALA A 28 -1.52 -3.18 -11.67
N ILE A 29 -0.63 -2.57 -10.88
CA ILE A 29 0.31 -3.33 -10.03
C ILE A 29 -0.50 -4.15 -9.02
N SER A 30 -1.43 -3.51 -8.31
CA SER A 30 -2.22 -4.24 -7.33
C SER A 30 -3.06 -5.37 -7.96
N TYR A 31 -3.67 -5.11 -9.11
CA TYR A 31 -4.48 -6.12 -9.78
C TYR A 31 -3.68 -7.33 -10.21
N SER A 32 -2.37 -7.18 -10.34
N SER A 32 -2.37 -7.19 -10.35
CA SER A 32 -1.56 -8.28 -10.88
CA SER A 32 -1.53 -8.28 -10.86
C SER A 32 -1.10 -9.28 -9.83
C SER A 32 -1.24 -9.37 -9.82
N ILE A 33 -1.40 -9.04 -8.55
CA ILE A 33 -0.86 -9.88 -7.47
C ILE A 33 -1.97 -10.72 -6.83
N ASP A 34 -1.85 -12.02 -6.97
CA ASP A 34 -2.82 -12.98 -6.41
C ASP A 34 -2.50 -13.12 -4.92
N ARG A 35 -3.15 -12.31 -4.09
CA ARG A 35 -2.91 -12.30 -2.65
C ARG A 35 -3.27 -13.65 -2.00
N LYS A 36 -4.31 -14.30 -2.51
CA LYS A 36 -4.70 -15.61 -1.98
C LYS A 36 -3.56 -16.63 -2.18
N ALA A 37 -3.00 -16.68 -3.38
CA ALA A 37 -1.86 -17.57 -3.63
C ALA A 37 -0.67 -17.18 -2.75
N LEU A 38 -0.44 -15.88 -2.61
CA LEU A 38 0.70 -15.43 -1.81
C LEU A 38 0.54 -15.96 -0.40
N VAL A 39 -0.62 -15.77 0.20
CA VAL A 39 -0.76 -16.19 1.60
C VAL A 39 -0.89 -17.69 1.81
N GLU A 40 -1.53 -18.37 0.86
N GLU A 40 -1.67 -18.36 0.97
CA GLU A 40 -1.85 -19.80 0.99
CA GLU A 40 -2.05 -19.75 1.23
C GLU A 40 -0.80 -20.78 0.45
C GLU A 40 -0.89 -20.65 0.88
N SER A 41 -0.09 -20.38 -0.61
N SER A 41 -0.29 -20.37 -0.29
CA SER A 41 0.88 -21.26 -1.25
CA SER A 41 0.79 -21.20 -0.87
C SER A 41 2.30 -20.80 -0.96
C SER A 41 2.17 -20.68 -0.50
N ILE A 42 2.53 -19.49 -0.98
CA ILE A 42 3.87 -18.95 -0.85
C ILE A 42 4.27 -18.85 0.61
N LEU A 43 3.45 -18.18 1.42
CA LEU A 43 3.82 -17.95 2.81
C LEU A 43 3.39 -19.08 3.73
N GLY A 44 2.09 -19.39 3.75
CA GLY A 44 1.54 -20.49 4.53
C GLY A 44 1.86 -20.41 6.01
N ASP A 45 1.86 -19.18 6.53
CA ASP A 45 2.36 -18.93 7.88
C ASP A 45 1.35 -18.22 8.75
N GLY A 46 0.10 -18.19 8.31
CA GLY A 46 -0.98 -17.59 9.10
C GLY A 46 -1.36 -16.23 8.58
N SER A 47 -0.56 -15.69 7.65
CA SER A 47 -0.92 -14.44 6.97
C SER A 47 -2.23 -14.64 6.24
N ILE A 48 -3.02 -13.57 6.14
CA ILE A 48 -4.30 -13.64 5.39
C ILE A 48 -4.38 -12.54 4.35
N GLU A 49 -5.25 -12.70 3.37
CA GLU A 49 -5.49 -11.64 2.39
C GLU A 49 -5.80 -10.31 3.09
N PRO A 50 -5.29 -9.18 2.53
CA PRO A 50 -5.55 -7.90 3.18
C PRO A 50 -6.90 -7.33 2.71
N ASN A 51 -7.76 -6.94 3.64
CA ASN A 51 -8.98 -6.22 3.23
C ASN A 51 -8.58 -4.89 2.59
N GLY A 52 -7.66 -4.20 3.27
CA GLY A 52 -7.19 -2.87 2.83
C GLY A 52 -5.91 -2.57 3.57
N LEU A 53 -5.81 -1.34 4.07
CA LEU A 53 -4.65 -0.92 4.82
C LEU A 53 -4.84 -1.23 6.30
N VAL A 54 -5.94 -0.77 6.86
CA VAL A 54 -6.17 -1.02 8.31
C VAL A 54 -6.53 -2.50 8.45
N PRO A 55 -5.88 -3.25 9.37
CA PRO A 55 -6.23 -4.67 9.55
C PRO A 55 -7.68 -4.89 9.93
N ALA A 56 -8.21 -6.03 9.48
CA ALA A 56 -9.53 -6.52 9.88
C ALA A 56 -9.49 -7.09 11.29
N ASP A 57 -10.66 -7.12 11.94
CA ASP A 57 -10.81 -7.68 13.30
C ASP A 57 -9.96 -6.95 14.32
N ALA A 59 -10.39 -2.95 15.00
CA ALA A 59 -11.13 -1.80 15.57
C ALA A 59 -12.64 -1.88 15.31
N LYS A 60 -13.40 -1.55 16.37
CA LYS A 60 -14.86 -1.57 16.34
C LYS A 60 -15.48 -0.16 16.40
N ASP A 61 -16.54 0.03 15.62
CA ASP A 61 -17.33 1.27 15.58
C ASP A 61 -17.66 1.75 17.01
N PRO A 62 -17.49 3.07 17.29
CA PRO A 62 -17.64 3.57 18.68
C PRO A 62 -19.07 3.55 19.23
N SER A 63 -20.04 3.22 18.39
CA SER A 63 -21.45 3.16 18.80
C SER A 63 -22.03 1.73 18.78
N GLY A 64 -21.83 1.01 17.67
CA GLY A 64 -22.22 -0.40 17.53
C GLY A 64 -21.01 -1.33 17.54
N GLY A 65 -21.21 -2.57 17.10
CA GLY A 65 -20.14 -3.57 17.15
C GLY A 65 -19.45 -3.84 15.82
N LYS A 66 -19.40 -2.84 14.96
CA LYS A 66 -18.98 -3.09 13.57
C LYS A 66 -17.49 -2.92 13.35
N ASP A 67 -16.92 -3.86 12.61
CA ASP A 67 -15.50 -3.83 12.34
C ASP A 67 -15.15 -2.71 11.36
N PHE A 68 -14.05 -2.00 11.63
CA PHE A 68 -13.57 -0.96 10.71
C PHE A 68 -13.43 -1.48 9.28
N ALA A 69 -12.74 -2.61 9.12
CA ALA A 69 -12.49 -3.14 7.77
C ALA A 69 -13.78 -3.50 7.05
N LYS A 70 -14.74 -4.09 7.77
CA LYS A 70 -16.02 -4.45 7.16
C LYS A 70 -16.79 -3.20 6.71
N GLU A 71 -16.78 -2.16 7.55
N GLU A 71 -16.76 -2.16 7.55
CA GLU A 71 -17.44 -0.91 7.23
CA GLU A 71 -17.44 -0.90 7.25
C GLU A 71 -16.80 -0.20 6.05
C GLU A 71 -16.79 -0.13 6.10
N ALA A 72 -15.48 -0.26 5.95
CA ALA A 72 -14.74 0.41 4.90
C ALA A 72 -14.98 -0.29 3.57
N GLY A 73 -15.23 -1.60 3.61
CA GLY A 73 -15.19 -2.42 2.38
C GLY A 73 -13.76 -2.65 1.88
N SER A 74 -13.64 -3.35 0.75
CA SER A 74 -12.34 -3.64 0.17
C SER A 74 -12.32 -3.20 -1.27
N GLN A 75 -11.21 -2.56 -1.67
CA GLN A 75 -10.98 -2.26 -3.10
C GLN A 75 -9.77 -3.04 -3.65
N ILE A 76 -9.36 -4.07 -2.92
CA ILE A 76 -8.23 -4.92 -3.35
C ILE A 76 -8.78 -6.13 -4.11
N GLU A 77 -8.35 -6.25 -5.37
N GLU A 77 -8.33 -6.30 -5.36
CA GLU A 77 -8.76 -7.32 -6.27
CA GLU A 77 -8.84 -7.35 -6.23
C GLU A 77 -7.55 -7.91 -6.93
C GLU A 77 -7.71 -7.88 -7.09
N TYR A 78 -7.65 -9.20 -7.25
CA TYR A 78 -6.70 -9.83 -8.15
C TYR A 78 -7.43 -10.10 -9.46
N ASP A 79 -6.93 -9.51 -10.55
CA ASP A 79 -7.55 -9.71 -11.87
C ASP A 79 -6.54 -9.28 -12.92
N THR A 80 -5.90 -10.24 -13.59
CA THR A 80 -4.86 -9.84 -14.53
C THR A 80 -5.41 -9.23 -15.81
N LYS A 81 -6.67 -9.53 -16.18
CA LYS A 81 -7.31 -8.81 -17.31
C LYS A 81 -7.41 -7.32 -17.01
N LYS A 82 -7.88 -7.01 -15.79
CA LYS A 82 -7.89 -5.64 -15.33
C LYS A 82 -6.49 -5.05 -15.17
N ALA A 83 -5.52 -5.82 -14.67
CA ALA A 83 -4.15 -5.31 -14.60
C ALA A 83 -3.68 -4.80 -15.97
N LYS A 84 -3.88 -5.62 -17.01
CA LYS A 84 -3.50 -5.25 -18.36
C LYS A 84 -4.22 -4.00 -18.84
N GLU A 85 -5.52 -3.91 -18.57
CA GLU A 85 -6.31 -2.77 -19.03
C GLU A 85 -5.82 -1.48 -18.36
N TYR A 86 -5.59 -1.55 -17.06
CA TYR A 86 -5.13 -0.36 -16.32
C TYR A 86 -3.73 0.08 -16.72
N TRP A 87 -2.86 -0.89 -17.04
CA TRP A 87 -1.54 -0.54 -17.52
C TRP A 87 -1.63 0.12 -18.91
N GLU A 88 -2.52 -0.36 -19.77
CA GLU A 88 -2.75 0.36 -21.03
C GLU A 88 -3.18 1.81 -20.82
N LYS A 89 -4.06 2.03 -19.85
CA LYS A 89 -4.50 3.41 -19.52
C LYS A 89 -3.31 4.22 -19.02
N ALA A 90 -2.52 3.63 -18.11
CA ALA A 90 -1.34 4.33 -17.57
C ALA A 90 -0.34 4.74 -18.67
N LYS A 91 -0.07 3.82 -19.59
CA LYS A 91 0.83 4.11 -20.72
C LYS A 91 0.37 5.33 -21.53
N LYS A 92 -0.93 5.42 -21.76
N LYS A 92 -0.93 5.41 -21.75
CA LYS A 92 -1.45 6.54 -22.53
CA LYS A 92 -1.49 6.51 -22.54
C LYS A 92 -1.33 7.84 -21.74
C LYS A 92 -1.43 7.83 -21.77
N GLU A 93 -1.73 7.79 -20.48
CA GLU A 93 -1.73 8.98 -19.63
C GLU A 93 -0.33 9.50 -19.39
N LEU A 94 0.60 8.58 -19.13
CA LEU A 94 1.97 8.94 -18.79
C LEU A 94 2.79 9.23 -20.02
N GLY A 95 2.34 8.72 -21.16
CA GLY A 95 3.12 8.82 -22.39
C GLY A 95 4.39 7.98 -22.35
N ILE A 96 4.28 6.76 -21.82
CA ILE A 96 5.42 5.84 -21.76
C ILE A 96 5.08 4.51 -22.45
N SER A 97 6.13 3.78 -22.86
CA SER A 97 5.97 2.50 -23.53
C SER A 97 6.44 1.33 -22.67
N THR A 98 7.13 1.61 -21.58
CA THR A 98 7.93 0.60 -20.89
C THR A 98 8.10 1.06 -19.46
N LEU A 99 8.38 0.11 -18.56
CA LEU A 99 8.72 0.47 -17.20
C LEU A 99 9.72 -0.55 -16.66
N THR A 100 10.79 -0.09 -16.02
CA THR A 100 11.71 -0.98 -15.30
C THR A 100 11.69 -0.48 -13.87
N ASP A 102 12.45 -1.45 -9.60
CA ASP A 102 13.10 -2.29 -8.60
C ASP A 102 12.23 -2.35 -7.36
N ILE A 103 12.14 -3.52 -6.73
CA ILE A 103 11.47 -3.60 -5.43
C ILE A 103 12.51 -3.85 -4.34
N LEU A 104 12.66 -2.87 -3.45
CA LEU A 104 13.54 -2.98 -2.31
C LEU A 104 12.80 -3.81 -1.25
N SER A 105 13.51 -4.73 -0.58
N SER A 105 13.54 -4.70 -0.58
CA SER A 105 12.86 -5.52 0.44
CA SER A 105 12.93 -5.68 0.31
C SER A 105 13.84 -5.96 1.51
C SER A 105 13.87 -6.12 1.43
N SER A 106 13.30 -6.60 2.53
CA SER A 106 14.10 -7.31 3.52
C SER A 106 14.75 -8.51 2.83
N ASP A 107 15.91 -8.90 3.34
CA ASP A 107 16.58 -10.13 2.93
C ASP A 107 16.19 -11.33 3.82
N ALA A 108 15.19 -11.16 4.69
CA ALA A 108 14.64 -12.25 5.50
C ALA A 108 14.12 -13.34 4.57
N ASP A 109 14.12 -14.58 5.03
CA ASP A 109 13.63 -15.67 4.17
C ASP A 109 12.21 -15.51 3.64
N SER A 110 11.23 -15.23 4.49
CA SER A 110 9.86 -15.03 3.98
C SER A 110 9.75 -13.79 3.11
N SER A 111 10.55 -12.76 3.41
CA SER A 111 10.49 -11.53 2.64
C SER A 111 11.02 -11.77 1.25
N LYS A 112 12.06 -12.59 1.13
CA LYS A 112 12.57 -12.95 -0.21
C LYS A 112 11.51 -13.73 -1.02
N LYS A 113 10.80 -14.67 -0.40
N LYS A 113 10.82 -14.67 -0.36
CA LYS A 113 9.77 -15.42 -1.14
CA LYS A 113 9.70 -15.44 -0.94
C LYS A 113 8.60 -14.50 -1.54
C LYS A 113 8.64 -14.50 -1.52
N THR A 114 8.24 -13.54 -0.68
CA THR A 114 7.21 -12.56 -1.02
C THR A 114 7.65 -11.70 -2.20
N VAL A 115 8.87 -11.17 -2.12
CA VAL A 115 9.31 -10.26 -3.19
C VAL A 115 9.44 -10.97 -4.53
N GLU A 116 9.90 -12.22 -4.50
N GLU A 116 9.88 -12.23 -4.51
CA GLU A 116 10.00 -13.06 -5.71
CA GLU A 116 10.00 -13.01 -5.74
C GLU A 116 8.64 -13.28 -6.36
C GLU A 116 8.62 -13.27 -6.38
N PHE A 117 7.63 -13.57 -5.53
CA PHE A 117 6.28 -13.80 -6.01
C PHE A 117 5.72 -12.50 -6.58
N VAL A 118 5.93 -11.39 -5.87
CA VAL A 118 5.43 -10.08 -6.35
C VAL A 118 6.09 -9.64 -7.66
N GLN A 119 7.43 -9.78 -7.71
CA GLN A 119 8.18 -9.50 -8.93
C GLN A 119 7.68 -10.33 -10.09
N GLY A 120 7.52 -11.65 -9.90
CA GLY A 120 7.05 -12.50 -11.01
C GLY A 120 5.65 -12.13 -11.46
N SER A 121 4.79 -11.83 -10.50
CA SER A 121 3.39 -11.51 -10.80
C SER A 121 3.26 -10.24 -11.65
N ILE A 122 3.93 -9.17 -11.23
CA ILE A 122 3.85 -7.91 -11.96
C ILE A 122 4.48 -8.05 -13.35
N GLN A 123 5.68 -8.59 -13.40
N GLN A 123 5.69 -8.60 -13.42
CA GLN A 123 6.42 -8.75 -14.64
CA GLN A 123 6.40 -8.70 -14.68
C GLN A 123 5.63 -9.59 -15.64
C GLN A 123 5.67 -9.61 -15.67
N ASP A 124 5.06 -10.68 -15.17
CA ASP A 124 4.34 -11.57 -16.04
C ASP A 124 3.05 -10.94 -16.60
N ALA A 125 2.31 -10.21 -15.75
CA ALA A 125 1.02 -9.66 -16.12
C ALA A 125 1.10 -8.47 -17.07
N LEU A 126 2.15 -7.66 -16.93
CA LEU A 126 2.22 -6.37 -17.62
C LEU A 126 3.27 -6.39 -18.71
N ASP A 127 2.83 -6.40 -19.96
CA ASP A 127 3.78 -6.49 -21.07
C ASP A 127 4.51 -5.16 -21.17
N GLY A 128 5.84 -5.20 -21.18
CA GLY A 128 6.62 -3.97 -21.21
C GLY A 128 7.07 -3.51 -19.83
N VAL A 129 6.72 -4.28 -18.81
CA VAL A 129 7.22 -3.99 -17.44
C VAL A 129 8.25 -5.05 -17.03
N LYS A 130 9.41 -4.61 -16.57
CA LYS A 130 10.45 -5.50 -16.08
C LYS A 130 10.63 -5.14 -14.63
N VAL A 131 10.76 -6.16 -13.77
CA VAL A 131 10.88 -5.88 -12.33
C VAL A 131 12.11 -6.57 -11.80
N THR A 132 12.94 -5.81 -11.06
CA THR A 132 14.11 -6.38 -10.36
C THR A 132 13.85 -6.32 -8.86
N VAL A 133 14.70 -7.00 -8.10
CA VAL A 133 14.55 -6.99 -6.65
C VAL A 133 15.84 -6.70 -5.96
N SER A 134 15.74 -6.02 -4.81
CA SER A 134 16.92 -5.70 -4.03
C SER A 134 16.71 -6.04 -2.56
N PRO A 135 16.94 -7.30 -2.18
CA PRO A 135 16.83 -7.67 -0.76
C PRO A 135 18.07 -7.21 0.01
N VAL A 136 17.84 -6.50 1.11
CA VAL A 136 18.91 -5.86 1.88
C VAL A 136 18.62 -5.93 3.37
N PRO A 137 19.64 -5.73 4.21
CA PRO A 137 19.43 -5.69 5.65
C PRO A 137 18.63 -4.46 6.12
N PHE A 138 18.12 -4.54 7.32
CA PHE A 138 17.23 -3.51 7.86
C PHE A 138 17.77 -2.07 7.77
N SER A 139 18.98 -1.82 8.24
CA SER A 139 19.43 -0.43 8.26
C SER A 139 19.56 0.14 6.85
N VAL A 140 19.93 -0.69 5.88
CA VAL A 140 19.97 -0.25 4.48
C VAL A 140 18.57 0.03 3.93
N ARG A 141 17.63 -0.87 4.18
CA ARG A 141 16.26 -0.65 3.71
C ARG A 141 15.71 0.64 4.28
N LEU A 142 15.99 0.88 5.56
CA LEU A 142 15.48 2.07 6.22
C LEU A 142 16.07 3.33 5.59
N ASP A 143 17.40 3.32 5.44
CA ASP A 143 18.08 4.48 4.88
C ASP A 143 17.62 4.80 3.45
N ARG A 144 17.58 3.77 2.59
N ARG A 144 17.58 3.77 2.59
CA ARG A 144 17.14 3.97 1.22
CA ARG A 144 17.13 3.94 1.20
C ARG A 144 15.67 4.42 1.15
C ARG A 144 15.67 4.38 1.13
N SER A 145 14.85 3.89 2.05
CA SER A 145 13.42 4.24 2.10
C SER A 145 13.27 5.72 2.43
N ASN A 146 14.04 6.20 3.40
N ASN A 146 14.03 6.14 3.43
CA ASN A 146 13.95 7.61 3.76
CA ASN A 146 13.98 7.48 3.96
C ASN A 146 14.42 8.51 2.64
C ASN A 146 14.43 8.49 2.91
N LYS A 147 15.53 8.15 2.03
N LYS A 147 15.42 8.10 2.11
CA LYS A 147 16.11 8.99 1.01
CA LYS A 147 16.05 8.94 1.07
C LYS A 147 15.49 8.84 -0.38
C LYS A 147 15.45 8.85 -0.33
N GLY A 148 14.52 7.93 -0.53
CA GLY A 148 13.84 7.75 -1.82
C GLY A 148 14.65 6.99 -2.84
N ASP A 149 15.66 6.26 -2.38
N ASP A 149 15.66 6.26 -2.38
CA ASP A 149 16.49 5.42 -3.25
CA ASP A 149 16.49 5.46 -3.28
C ASP A 149 15.84 4.06 -3.49
C ASP A 149 15.86 4.08 -3.52
N PHE A 150 14.68 4.10 -4.15
CA PHE A 150 13.89 2.89 -4.45
C PHE A 150 12.82 3.27 -5.47
N ASP A 151 12.28 2.26 -6.15
CA ASP A 151 11.09 2.43 -6.96
C ASP A 151 9.89 1.94 -6.17
N ALA A 152 9.96 0.68 -5.70
CA ALA A 152 9.00 0.15 -4.75
C ALA A 152 9.75 -0.36 -3.52
N VAL A 153 9.09 -0.34 -2.38
CA VAL A 153 9.70 -0.91 -1.17
C VAL A 153 8.65 -1.67 -0.36
N ILE A 154 8.98 -2.89 0.03
CA ILE A 154 8.06 -3.70 0.87
C ILE A 154 8.41 -3.55 2.32
N GLY A 155 7.41 -3.24 3.14
CA GLY A 155 7.61 -3.12 4.58
C GLY A 155 6.27 -3.36 5.22
N GLY A 156 6.11 -2.90 6.44
CA GLY A 156 4.82 -3.03 7.05
C GLY A 156 4.72 -2.27 8.34
N TRP A 157 3.59 -2.42 8.98
CA TRP A 157 3.32 -1.70 10.23
C TRP A 157 2.50 -2.58 11.13
N SER A 158 2.84 -2.54 12.42
CA SER A 158 2.14 -3.29 13.46
C SER A 158 1.63 -2.29 14.45
N ALA A 159 0.41 -2.53 14.90
CA ALA A 159 -0.32 -1.63 15.78
C ALA A 159 -0.02 -1.81 17.27
N ASP A 160 0.61 -0.82 17.88
CA ASP A 160 0.78 -0.86 19.33
C ASP A 160 -0.57 -0.87 20.07
N TYR A 161 -1.49 0.02 19.66
CA TYR A 161 -2.90 -0.03 20.09
C TYR A 161 -3.85 -0.12 18.91
N ALA A 162 -4.99 -0.77 19.14
CA ALA A 162 -5.92 -1.13 18.07
C ALA A 162 -6.69 0.05 17.45
N ASP A 163 -5.99 1.13 17.11
CA ASP A 163 -6.66 2.25 16.46
C ASP A 163 -6.32 2.39 14.96
N PRO A 164 -7.34 2.59 14.11
CA PRO A 164 -7.08 2.66 12.68
C PRO A 164 -6.13 3.80 12.31
N SER A 165 -6.10 4.89 13.09
CA SER A 165 -5.24 6.01 12.77
C SER A 165 -3.76 5.63 12.85
N SER A 166 -3.42 4.59 13.62
CA SER A 166 -2.05 4.11 13.71
C SER A 166 -1.52 3.79 12.31
N PHE A 167 -2.39 3.22 11.48
CA PHE A 167 -2.02 2.90 10.09
C PHE A 167 -2.20 4.08 9.15
N LEU A 168 -3.35 4.76 9.29
CA LEU A 168 -3.71 5.79 8.34
C LEU A 168 -2.77 7.01 8.43
N ASP A 169 -2.35 7.34 9.65
CA ASP A 169 -1.47 8.51 9.82
C ASP A 169 -0.16 8.41 9.03
N LEU A 170 0.30 7.18 8.76
CA LEU A 170 1.55 6.96 8.09
C LEU A 170 1.58 7.58 6.72
N PHE A 171 0.40 7.79 6.11
CA PHE A 171 0.34 8.15 4.70
C PHE A 171 -0.12 9.58 4.46
N ALA A 172 -0.24 10.32 5.56
CA ALA A 172 -0.36 11.77 5.45
C ALA A 172 0.84 12.26 4.65
N SER A 173 0.64 13.29 3.84
CA SER A 173 1.68 13.73 2.90
C SER A 173 2.95 14.16 3.61
N ASP A 174 2.82 14.65 4.85
CA ASP A 174 3.93 15.17 5.64
C ASP A 174 4.44 14.22 6.73
N ASN A 175 4.02 12.95 6.68
CA ASN A 175 4.47 11.99 7.70
C ASN A 175 5.80 11.35 7.28
N SER A 176 6.75 11.26 8.20
CA SER A 176 8.04 10.66 7.88
C SER A 176 7.96 9.19 7.49
N TYR A 177 6.91 8.47 7.94
CA TYR A 177 6.76 7.05 7.55
C TYR A 177 6.19 6.87 6.16
N ASN A 178 5.82 7.97 5.48
CA ASN A 178 5.27 7.91 4.12
C ASN A 178 6.45 7.89 3.14
N ARG A 179 7.08 6.72 2.96
CA ARG A 179 8.36 6.68 2.28
C ARG A 179 8.24 7.04 0.79
N GLY A 180 7.11 6.67 0.19
CA GLY A 180 6.85 6.93 -1.24
C GLY A 180 6.34 8.34 -1.49
N ARG A 181 6.06 9.09 -0.42
N ARG A 181 6.04 9.07 -0.40
CA ARG A 181 5.50 10.44 -0.51
CA ARG A 181 5.52 10.43 -0.49
C ARG A 181 4.20 10.47 -1.30
C ARG A 181 4.19 10.52 -1.24
N TYR A 182 3.32 9.54 -0.97
CA TYR A 182 1.93 9.60 -1.39
C TYR A 182 1.41 10.96 -0.95
N ASN A 183 0.65 11.60 -1.83
CA ASN A 183 0.15 12.94 -1.55
C ASN A 183 -1.23 13.12 -2.17
N ASN A 184 -2.24 12.90 -1.35
CA ASN A 184 -3.61 13.06 -1.76
C ASN A 184 -4.25 14.02 -0.75
N ALA A 185 -4.69 15.16 -1.28
CA ALA A 185 -5.26 16.23 -0.46
C ALA A 185 -6.49 15.79 0.36
N GLU A 186 -7.36 14.97 -0.23
N GLU A 186 -7.35 14.99 -0.27
CA GLU A 186 -8.52 14.48 0.53
CA GLU A 186 -8.53 14.40 0.38
C GLU A 186 -8.11 13.50 1.61
C GLU A 186 -8.12 13.51 1.54
N PHE A 187 -7.13 12.64 1.30
CA PHE A 187 -6.62 11.75 2.34
C PHE A 187 -6.11 12.57 3.53
N ASP A 188 -5.28 13.58 3.24
CA ASP A 188 -4.74 14.43 4.31
C ASP A 188 -5.88 15.05 5.12
N LYS A 189 -6.89 15.54 4.41
CA LYS A 189 -8.03 16.19 5.05
C LYS A 189 -8.68 15.26 6.05
N PHE A 190 -8.97 14.03 5.62
CA PHE A 190 -9.65 13.08 6.49
C PHE A 190 -8.76 12.63 7.68
N VAL A 191 -7.51 12.29 7.39
N VAL A 191 -7.49 12.33 7.44
CA VAL A 191 -6.68 11.68 8.43
CA VAL A 191 -6.65 11.85 8.55
C VAL A 191 -6.28 12.69 9.50
C VAL A 191 -6.41 12.90 9.61
N LYS A 192 -6.11 13.95 9.09
N LYS A 192 -6.08 14.10 9.16
CA LYS A 192 -5.82 15.02 10.03
CA LYS A 192 -5.79 15.17 10.09
C LYS A 192 -7.05 15.36 10.86
C LYS A 192 -7.05 15.63 10.83
N ALA A 193 -8.21 15.45 10.20
CA ALA A 193 -9.47 15.72 10.91
C ALA A 193 -9.69 14.72 12.04
N ALA A 194 -9.28 13.48 11.82
CA ALA A 194 -9.38 12.41 12.81
C ALA A 194 -8.37 12.55 13.95
N SER A 195 -7.17 13.00 13.61
CA SER A 195 -6.03 12.95 14.52
C SER A 195 -5.91 14.23 15.29
N SER A 196 -6.70 15.23 14.90
CA SER A 196 -6.64 16.50 15.55
C SER A 196 -7.01 16.38 17.03
N ALA A 197 -6.46 17.25 17.86
CA ALA A 197 -6.94 17.39 19.25
C ALA A 197 -8.40 17.89 19.32
N ASP A 198 -8.89 18.44 18.22
N ASP A 198 -8.89 18.47 18.23
CA ASP A 198 -10.26 18.94 18.11
CA ASP A 198 -10.28 18.96 18.12
C ASP A 198 -11.19 17.93 17.42
C ASP A 198 -11.28 17.86 17.74
N ALA A 199 -10.78 16.67 17.46
CA ALA A 199 -11.63 15.55 17.05
C ALA A 199 -12.29 14.92 18.28
N THR A 200 -13.15 15.70 18.93
CA THR A 200 -13.79 15.25 20.18
C THR A 200 -15.13 14.54 19.98
N ASP A 201 -15.59 14.40 18.74
CA ASP A 201 -16.81 13.68 18.41
C ASP A 201 -16.37 12.35 17.83
N PRO A 202 -16.56 11.27 18.59
CA PRO A 202 -16.04 9.98 18.14
C PRO A 202 -16.72 9.45 16.89
N GLU A 203 -17.97 9.84 16.64
N GLU A 203 -17.98 9.86 16.66
CA GLU A 203 -18.65 9.34 15.45
CA GLU A 203 -18.75 9.43 15.49
C GLU A 203 -18.13 10.05 14.20
C GLU A 203 -18.14 10.05 14.23
N LYS A 204 -17.85 11.35 14.30
CA LYS A 204 -17.24 12.06 13.18
C LYS A 204 -15.82 11.54 12.97
N ARG A 205 -15.09 11.28 14.06
CA ARG A 205 -13.71 10.77 13.94
C ARG A 205 -13.71 9.41 13.22
N TRP A 206 -14.65 8.57 13.58
CA TRP A 206 -14.77 7.25 12.93
C TRP A 206 -15.03 7.41 11.44
N ASP A 207 -15.97 8.29 11.10
N ASP A 207 -15.97 8.31 11.12
CA ASP A 207 -16.30 8.50 9.70
CA ASP A 207 -16.32 8.60 9.74
C ASP A 207 -15.11 9.12 8.93
C ASP A 207 -15.10 9.10 8.96
N ASP A 208 -14.35 10.01 9.57
CA ASP A 208 -13.13 10.56 8.96
C ASP A 208 -12.10 9.46 8.67
N LEU A 210 -12.73 6.18 8.31
CA LEU A 210 -13.28 5.35 7.21
C LEU A 210 -13.06 6.01 5.84
N ASN A 211 -13.32 7.31 5.78
CA ASN A 211 -13.09 8.04 4.55
C ASN A 211 -11.62 8.07 4.12
N ALA A 212 -10.72 8.16 5.10
CA ALA A 212 -9.28 8.08 4.83
C ALA A 212 -8.93 6.72 4.22
N GLU A 213 -9.37 5.64 4.86
CA GLU A 213 -9.11 4.29 4.32
C GLU A 213 -9.65 4.18 2.89
N LYS A 214 -10.89 4.59 2.68
CA LYS A 214 -11.50 4.46 1.34
C LYS A 214 -10.78 5.33 0.32
N THR A 215 -10.21 6.45 0.79
CA THR A 215 -9.50 7.33 -0.16
C THR A 215 -8.19 6.71 -0.64
N ILE A 216 -7.37 6.25 0.28
CA ILE A 216 -6.08 5.67 -0.11
C ILE A 216 -6.25 4.34 -0.85
N GLY A 218 -8.90 3.77 -2.70
CA GLY A 218 -9.55 4.17 -3.96
C GLY A 218 -8.58 4.64 -5.02
N ASP A 219 -7.45 5.23 -4.62
CA ASP A 219 -6.42 5.60 -5.60
C ASP A 219 -5.15 4.75 -5.40
N GLY A 221 -2.87 4.25 -3.05
CA GLY A 221 -1.69 5.06 -2.75
C GLY A 221 -0.54 4.25 -2.20
N VAL A 222 -0.87 3.10 -1.61
N VAL A 222 -0.87 3.11 -1.59
CA VAL A 222 0.07 2.09 -1.16
CA VAL A 222 0.08 2.05 -1.27
C VAL A 222 -0.56 0.73 -1.54
C VAL A 222 -0.55 0.75 -1.73
N VAL A 223 0.23 -0.32 -1.73
CA VAL A 223 -0.28 -1.61 -2.23
C VAL A 223 -0.18 -2.64 -1.09
N PRO A 224 -1.27 -2.82 -0.30
CA PRO A 224 -1.22 -3.85 0.77
C PRO A 224 -1.05 -5.24 0.19
N LEU A 225 -0.22 -6.05 0.84
CA LEU A 225 0.08 -7.40 0.36
C LEU A 225 -0.62 -8.47 1.21
N PHE A 226 -0.59 -8.33 2.53
CA PHE A 226 -1.26 -9.27 3.41
C PHE A 226 -1.37 -8.69 4.80
N GLN A 227 -2.21 -9.33 5.63
CA GLN A 227 -2.31 -9.01 7.05
C GLN A 227 -1.83 -10.21 7.88
N LYS A 228 -1.19 -9.93 9.01
CA LYS A 228 -0.76 -11.02 9.89
C LYS A 228 -1.11 -10.51 11.28
N SER A 229 -2.09 -11.17 11.91
CA SER A 229 -2.77 -10.59 13.11
C SER A 229 -2.65 -11.44 14.34
#